data_3F2N
#
_entry.id   3F2N
#
_cell.length_a   72.416
_cell.length_b   77.307
_cell.length_c   85.575
_cell.angle_alpha   90.00
_cell.angle_beta   90.00
_cell.angle_gamma   90.00
#
_symmetry.space_group_name_H-M   'P 21 21 21'
#
loop_
_entity.id
_entity.type
_entity.pdbx_description
1 polymer 'Serine/threonine-protein kinase haspin'
2 non-polymer (2S)-2-{[3-(3-aminophenyl)imidazo[1,2-b]pyridazin-6-yl]amino}-3-methylbutan-1-ol
3 non-polymer 'PHOSPHATE ION'
4 non-polymer 1,2-ETHANEDIOL
5 water water
#
_entity_poly.entity_id   1
_entity_poly.type   'polypeptide(L)'
_entity_poly.pdbx_seq_one_letter_code
;MHHHHHHSSGVDLGTENLYFQSMGECSQKGPVPFSHCLPTEKLQRCEKIGEGVFGEVFQTIADHTPVAIKIIAIEGPDLV
NGSHQKTFEEILPEIIISKELSLLSGEVCNRTEGFIGLNSVHCVQGSYPPLLLKAWDHYNSTKGSANDRPDFFKDDQLFI
VLEFEFGGIDLEQMRTKLSSLATAKSILHQLTASLAVAEASLRFEHRDLHWGNVLLKKTSLKKLHYTLNGKSSTIPSCGL
QVSIIDYTLSRLERDGIVVFCDVSMDEDLFTGDGDYQFDIYRLMKKENNNRWGEYHPYSNVLWLHYLTDKMLKQMTFKTK
CNTPAMKQIKRKIQEFHRTMLNFSSATDLLCQHSLFK
;
_entity_poly.pdbx_strand_id   A
#
# COMPACT_ATOMS: atom_id res chain seq x y z
N GLY A 30 -3.34 23.17 -18.09
CA GLY A 30 -2.47 22.40 -19.03
C GLY A 30 -1.35 21.69 -18.30
N PRO A 31 -0.68 20.75 -18.98
CA PRO A 31 0.38 20.00 -18.30
C PRO A 31 1.62 20.85 -18.05
N VAL A 32 2.44 20.44 -17.11
CA VAL A 32 3.73 21.11 -16.86
C VAL A 32 4.88 20.25 -17.39
N PRO A 33 6.06 20.85 -17.66
CA PRO A 33 7.19 20.01 -18.02
C PRO A 33 7.73 19.17 -16.86
N PHE A 34 8.44 18.10 -17.18
CA PHE A 34 9.02 17.22 -16.16
C PHE A 34 9.86 18.01 -15.19
N SER A 35 10.53 19.04 -15.71
CA SER A 35 11.44 19.84 -14.91
C SER A 35 10.71 20.59 -13.82
N HIS A 36 9.42 20.85 -14.00
CA HIS A 36 8.62 21.43 -12.92
C HIS A 36 8.62 20.53 -11.67
N CYS A 37 8.45 19.24 -11.88
CA CYS A 37 8.40 18.27 -10.79
C CYS A 37 9.75 17.72 -10.39
N LEU A 38 10.63 17.62 -11.38
CA LEU A 38 11.90 16.95 -11.15
C LEU A 38 13.01 17.84 -11.71
N PRO A 39 13.30 18.92 -11.01
CA PRO A 39 14.45 19.71 -11.42
C PRO A 39 15.74 18.91 -11.21
N THR A 40 16.82 19.43 -11.75
CA THR A 40 18.06 18.65 -11.89
C THR A 40 18.48 17.91 -10.63
N GLU A 41 18.57 18.61 -9.50
CA GLU A 41 19.11 17.99 -8.28
C GLU A 41 18.21 16.85 -7.76
N LYS A 42 16.90 17.06 -7.82
CA LYS A 42 15.95 16.03 -7.46
C LYS A 42 16.04 14.82 -8.35
N LEU A 43 16.18 15.07 -9.67
CA LEU A 43 16.35 14.04 -10.65
C LEU A 43 17.61 13.25 -10.39
N GLN A 44 18.70 13.95 -10.12
CA GLN A 44 19.98 13.28 -9.81
C GLN A 44 19.95 12.37 -8.57
N ARG A 45 19.05 12.63 -7.62
CA ARG A 45 18.96 11.82 -6.41
C ARG A 45 17.94 10.68 -6.52
N CYS A 46 17.27 10.57 -7.65
CA CYS A 46 16.24 9.56 -7.83
C CYS A 46 16.85 8.17 -7.89
N GLU A 47 16.29 7.25 -7.11
CA GLU A 47 16.59 5.85 -7.23
C GLU A 47 15.27 5.09 -7.39
N LYS A 48 15.24 4.15 -8.36
CA LYS A 48 14.02 3.35 -8.57
C LYS A 48 13.84 2.39 -7.42
N ILE A 49 12.64 2.34 -6.90
CA ILE A 49 12.34 1.44 -5.77
C ILE A 49 11.27 0.39 -6.07
N GLY A 50 10.56 0.54 -7.16
CA GLY A 50 9.62 -0.48 -7.57
C GLY A 50 8.82 -0.10 -8.78
N GLU A 51 7.90 -0.99 -9.13
CA GLU A 51 7.20 -0.87 -10.38
C GLU A 51 5.89 -1.68 -10.39
N GLY A 52 5.01 -1.35 -11.32
CA GLY A 52 3.89 -2.19 -11.67
C GLY A 52 3.59 -2.01 -13.13
N VAL A 53 2.58 -2.70 -13.61
CA VAL A 53 2.17 -2.54 -14.99
C VAL A 53 1.82 -1.08 -15.24
N PHE A 54 1.29 -0.39 -14.25
CA PHE A 54 0.82 0.95 -14.49
C PHE A 54 1.61 1.95 -13.68
N GLY A 55 2.93 1.76 -13.66
CA GLY A 55 3.78 2.77 -13.01
C GLY A 55 5.18 2.40 -12.63
N GLU A 56 6.01 3.43 -12.51
CA GLU A 56 7.37 3.31 -12.04
C GLU A 56 7.40 4.16 -10.78
N VAL A 57 8.16 3.70 -9.79
CA VAL A 57 8.23 4.40 -8.51
C VAL A 57 9.68 4.64 -8.14
N PHE A 58 9.99 5.89 -7.83
CA PHE A 58 11.33 6.35 -7.47
C PHE A 58 11.31 6.95 -6.09
N GLN A 59 12.41 6.84 -5.39
CA GLN A 59 12.60 7.59 -4.17
C GLN A 59 13.63 8.69 -4.47
N THR A 60 13.39 9.85 -3.89
CA THR A 60 14.34 10.94 -4.01
C THR A 60 14.26 11.84 -2.78
N ILE A 61 14.90 13.00 -2.89
CA ILE A 61 14.96 13.97 -1.79
C ILE A 61 14.47 15.27 -2.39
N ALA A 62 13.50 15.88 -1.74
CA ALA A 62 12.98 17.21 -2.11
C ALA A 62 13.06 18.10 -0.88
N ASP A 63 13.79 19.22 -0.96
CA ASP A 63 13.95 20.11 0.20
C ASP A 63 14.33 19.30 1.47
N HIS A 64 15.44 18.56 1.34
CA HIS A 64 16.07 17.79 2.42
C HIS A 64 15.14 16.73 3.02
N THR A 65 14.10 16.35 2.27
CA THR A 65 13.05 15.47 2.80
C THR A 65 12.88 14.29 1.83
N PRO A 66 12.90 13.06 2.35
CA PRO A 66 12.69 11.94 1.44
C PRO A 66 11.25 11.89 0.94
N VAL A 67 11.05 11.52 -0.33
CA VAL A 67 9.74 11.33 -0.95
C VAL A 67 9.77 10.13 -1.88
N ALA A 68 8.58 9.58 -2.16
CA ALA A 68 8.38 8.55 -3.15
C ALA A 68 7.56 9.18 -4.27
N ILE A 69 7.97 8.94 -5.50
CA ILE A 69 7.33 9.51 -6.68
C ILE A 69 6.85 8.38 -7.60
N LYS A 70 5.55 8.36 -7.89
CA LYS A 70 4.98 7.39 -8.79
C LYS A 70 4.66 8.09 -10.07
N ILE A 71 5.08 7.49 -11.18
CA ILE A 71 4.95 8.12 -12.49
C ILE A 71 4.17 7.17 -13.41
N ILE A 72 3.02 7.62 -13.90
CA ILE A 72 2.11 6.83 -14.71
C ILE A 72 1.87 7.46 -16.08
N ALA A 73 2.09 6.71 -17.15
CA ALA A 73 1.85 7.21 -18.52
C ALA A 73 0.35 7.18 -18.78
N ILE A 74 -0.19 8.26 -19.31
CA ILE A 74 -1.61 8.31 -19.63
C ILE A 74 -1.86 8.81 -21.05
N GLU A 75 -2.97 8.34 -21.60
CA GLU A 75 -3.62 8.90 -22.79
C GLU A 75 -2.92 8.63 -24.11
N GLY A 76 -1.79 7.94 -24.10
CA GLY A 76 -1.03 7.73 -25.33
C GLY A 76 -1.44 6.41 -26.01
N PRO A 77 -1.00 6.21 -27.26
CA PRO A 77 -1.36 5.02 -28.05
C PRO A 77 -0.45 3.80 -27.89
N ASP A 78 0.77 3.98 -27.41
CA ASP A 78 1.73 2.88 -27.32
C ASP A 78 1.34 1.89 -26.23
N LEU A 79 1.58 0.61 -26.51
CA LEU A 79 1.49 -0.39 -25.47
C LEU A 79 2.62 -0.15 -24.48
N VAL A 80 2.30 -0.28 -23.21
CA VAL A 80 3.24 -0.10 -22.13
C VAL A 80 3.05 -1.25 -21.15
N ASN A 81 4.13 -2.01 -20.95
CA ASN A 81 4.17 -3.13 -20.02
C ASN A 81 3.04 -4.13 -20.24
N GLY A 82 2.81 -4.40 -21.52
CA GLY A 82 1.81 -5.36 -21.93
C GLY A 82 0.37 -4.89 -21.97
N SER A 83 0.17 -3.59 -21.79
CA SER A 83 -1.19 -3.07 -21.72
C SER A 83 -1.28 -1.71 -22.41
N HIS A 84 -2.52 -1.37 -22.81
CA HIS A 84 -2.80 -0.01 -23.26
C HIS A 84 -2.69 0.91 -22.06
N GLN A 85 -2.34 2.15 -22.32
CA GLN A 85 -2.25 3.15 -21.26
C GLN A 85 -3.62 3.53 -20.72
N LYS A 86 -3.66 3.79 -19.43
CA LYS A 86 -4.86 4.33 -18.80
C LYS A 86 -5.15 5.74 -19.30
N THR A 87 -6.41 6.12 -19.23
CA THR A 87 -6.87 7.47 -19.49
C THR A 87 -6.77 8.26 -18.18
N PHE A 88 -6.83 9.57 -18.27
CA PHE A 88 -6.85 10.37 -17.05
C PHE A 88 -8.02 9.96 -16.14
N GLU A 89 -9.18 9.73 -16.73
CA GLU A 89 -10.35 9.29 -15.96
C GLU A 89 -10.08 7.99 -15.19
N GLU A 90 -9.32 7.06 -15.76
CA GLU A 90 -8.97 5.81 -15.07
C GLU A 90 -7.96 5.95 -13.92
N ILE A 91 -7.20 7.04 -13.88
CA ILE A 91 -6.26 7.31 -12.78
C ILE A 91 -6.90 8.09 -11.66
N LEU A 92 -8.01 8.74 -11.96
CA LEU A 92 -8.68 9.57 -10.98
C LEU A 92 -9.03 8.84 -9.67
N PRO A 93 -9.48 7.57 -9.76
CA PRO A 93 -9.78 6.91 -8.48
C PRO A 93 -8.58 6.83 -7.54
N GLU A 94 -7.42 6.47 -8.09
CA GLU A 94 -6.21 6.38 -7.23
C GLU A 94 -5.89 7.76 -6.62
N ILE A 95 -6.04 8.81 -7.40
CA ILE A 95 -5.76 10.18 -6.90
C ILE A 95 -6.68 10.55 -5.80
N ILE A 96 -7.99 10.34 -6.03
CA ILE A 96 -8.98 10.69 -5.03
C ILE A 96 -8.80 9.91 -3.75
N ILE A 97 -8.59 8.60 -3.86
CA ILE A 97 -8.42 7.76 -2.68
C ILE A 97 -7.13 8.11 -1.91
N SER A 98 -6.05 8.38 -2.66
CA SER A 98 -4.80 8.82 -2.02
C SER A 98 -5.03 10.13 -1.22
N LYS A 99 -5.77 11.07 -1.82
CA LYS A 99 -6.11 12.34 -1.14
C LYS A 99 -6.93 12.09 0.14
N GLU A 100 -8.00 11.30 0.04
CA GLU A 100 -8.79 10.96 1.25
C GLU A 100 -8.04 10.28 2.38
N LEU A 101 -7.24 9.28 2.06
CA LEU A 101 -6.49 8.59 3.08
C LEU A 101 -5.40 9.46 3.71
N SER A 102 -4.84 10.35 2.91
CA SER A 102 -3.84 11.31 3.39
C SER A 102 -4.45 12.24 4.48
N LEU A 103 -5.73 12.57 4.35
CA LEU A 103 -6.41 13.43 5.32
C LEU A 103 -6.57 12.79 6.69
N LEU A 104 -6.62 11.46 6.74
CA LEU A 104 -6.90 10.76 8.00
C LEU A 104 -5.96 11.04 9.12
N SER A 105 -4.70 11.35 8.82
CA SER A 105 -3.74 11.69 9.90
C SER A 105 -4.09 12.99 10.67
N GLY A 106 -4.88 13.86 10.05
CA GLY A 106 -5.31 15.10 10.70
C GLY A 106 -6.77 15.18 11.06
N GLU A 107 -7.51 14.08 10.95
CA GLU A 107 -8.91 14.09 11.37
C GLU A 107 -9.01 13.90 12.88
N VAL A 108 -10.23 13.85 13.38
CA VAL A 108 -10.46 13.81 14.82
C VAL A 108 -11.29 12.60 15.25
N CYS A 109 -12.48 12.42 14.69
CA CYS A 109 -13.33 11.29 15.10
C CYS A 109 -12.78 9.96 14.60
N ASN A 110 -12.26 9.98 13.38
CA ASN A 110 -11.64 8.79 12.73
C ASN A 110 -10.28 9.21 12.22
N ARG A 111 -9.26 8.87 13.03
CA ARG A 111 -7.92 9.41 12.84
C ARG A 111 -6.93 8.29 12.93
N THR A 112 -6.03 8.28 11.97
CA THR A 112 -4.88 7.36 11.98
C THR A 112 -3.75 7.91 11.13
N GLU A 113 -2.53 7.61 11.57
CA GLU A 113 -1.35 7.89 10.76
C GLU A 113 -0.92 6.66 9.98
N GLY A 114 -1.77 5.64 9.92
CA GLY A 114 -1.41 4.36 9.34
C GLY A 114 -1.51 4.24 7.83
N PHE A 115 -1.88 5.33 7.13
CA PHE A 115 -1.78 5.34 5.66
C PHE A 115 -0.55 6.16 5.29
N ILE A 116 -0.61 7.02 4.29
CA ILE A 116 0.60 7.76 3.88
C ILE A 116 0.14 9.12 3.36
N GLY A 117 0.98 10.13 3.51
CA GLY A 117 0.67 11.46 3.02
C GLY A 117 0.85 11.57 1.52
N LEU A 118 -0.04 12.31 0.88
CA LEU A 118 0.07 12.67 -0.51
C LEU A 118 0.42 14.14 -0.58
N ASN A 119 1.59 14.43 -1.14
CA ASN A 119 2.07 15.79 -1.14
C ASN A 119 1.59 16.57 -2.34
N SER A 120 1.56 15.93 -3.50
CA SER A 120 1.18 16.63 -4.70
C SER A 120 0.85 15.67 -5.83
N VAL A 121 0.05 16.18 -6.75
CA VAL A 121 -0.24 15.46 -8.00
C VAL A 121 -0.06 16.44 -9.16
N HIS A 122 0.67 16.02 -10.18
CA HIS A 122 0.84 16.82 -11.36
C HIS A 122 0.58 16.00 -12.61
N CYS A 123 0.14 16.73 -13.64
CA CYS A 123 0.11 16.23 -14.98
C CYS A 123 1.30 16.86 -15.75
N VAL A 124 2.20 16.01 -16.22
CA VAL A 124 3.47 16.41 -16.81
C VAL A 124 3.49 15.96 -18.28
N GLN A 125 4.17 16.71 -19.13
CA GLN A 125 4.28 16.35 -20.54
C GLN A 125 5.73 16.37 -20.94
N GLY A 126 6.15 15.36 -21.67
CA GLY A 126 7.57 15.24 -22.05
C GLY A 126 7.99 13.81 -22.30
N SER A 127 9.15 13.64 -22.92
CA SER A 127 9.72 12.29 -23.02
C SER A 127 10.37 11.98 -21.68
N TYR A 128 10.70 10.71 -21.44
CA TYR A 128 11.21 10.30 -20.13
C TYR A 128 12.60 10.91 -19.93
N PRO A 129 12.83 11.55 -18.78
CA PRO A 129 14.17 12.08 -18.52
C PRO A 129 15.27 11.02 -18.54
N PRO A 130 16.38 11.32 -19.21
CA PRO A 130 17.44 10.32 -19.24
C PRO A 130 17.97 9.95 -17.86
N LEU A 131 17.96 10.86 -16.90
CA LEU A 131 18.39 10.48 -15.56
C LEU A 131 17.47 9.46 -14.91
N LEU A 132 16.18 9.51 -15.22
CA LEU A 132 15.28 8.46 -14.74
C LEU A 132 15.53 7.15 -15.46
N LEU A 133 15.88 7.20 -16.74
CA LEU A 133 16.25 5.96 -17.42
C LEU A 133 17.49 5.31 -16.81
N LYS A 134 18.44 6.13 -16.38
CA LYS A 134 19.64 5.63 -15.72
C LYS A 134 19.24 4.94 -14.44
N ALA A 135 18.31 5.54 -13.69
CA ALA A 135 17.83 4.89 -12.46
C ALA A 135 17.09 3.58 -12.77
N TRP A 136 16.27 3.61 -13.81
CA TRP A 136 15.54 2.43 -14.23
C TRP A 136 16.54 1.28 -14.58
N ASP A 137 17.58 1.63 -15.32
CA ASP A 137 18.60 0.65 -15.73
C ASP A 137 19.30 0.03 -14.53
N HIS A 138 19.61 0.86 -13.54
CA HIS A 138 20.26 0.36 -12.36
C HIS A 138 19.44 -0.67 -11.61
N TYR A 139 18.14 -0.40 -11.48
CA TYR A 139 17.22 -1.33 -10.88
C TYR A 139 17.12 -2.63 -11.71
N ASN A 140 17.07 -2.51 -13.03
CA ASN A 140 16.92 -3.69 -13.88
C ASN A 140 18.18 -4.56 -13.72
N SER A 141 19.32 -3.89 -13.61
CA SER A 141 20.61 -4.57 -13.47
C SER A 141 20.80 -5.24 -12.13
N THR A 142 20.13 -4.77 -11.09
CA THR A 142 20.33 -5.30 -9.74
C THR A 142 19.16 -6.17 -9.33
N LYS A 143 17.95 -5.67 -9.45
CA LYS A 143 16.76 -6.41 -9.08
C LYS A 143 16.08 -7.12 -10.24
N GLY A 144 16.24 -6.62 -11.46
CA GLY A 144 15.53 -7.17 -12.62
C GLY A 144 14.14 -6.58 -12.72
N SER A 145 13.71 -6.21 -13.92
CA SER A 145 12.42 -5.55 -14.11
C SER A 145 11.50 -6.42 -14.94
N ALA A 146 10.20 -6.38 -14.66
CA ALA A 146 9.17 -7.00 -15.52
C ALA A 146 8.57 -6.01 -16.51
N ASN A 147 9.07 -4.77 -16.56
CA ASN A 147 8.49 -3.73 -17.40
C ASN A 147 9.32 -3.48 -18.63
N ASP A 148 8.73 -2.78 -19.61
CA ASP A 148 9.50 -2.27 -20.75
C ASP A 148 10.32 -1.06 -20.31
N ARG A 149 11.55 -0.91 -20.82
CA ARG A 149 12.34 0.29 -20.55
C ARG A 149 11.55 1.49 -21.09
N PRO A 150 11.28 2.49 -20.26
CA PRO A 150 10.35 3.54 -20.71
C PRO A 150 11.06 4.62 -21.53
N ASP A 151 11.67 4.22 -22.63
CA ASP A 151 12.51 5.11 -23.42
C ASP A 151 11.91 5.48 -24.79
N PHE A 152 10.66 5.10 -25.02
CA PHE A 152 10.01 5.21 -26.33
C PHE A 152 8.96 6.31 -26.32
N PHE A 153 8.79 6.99 -25.18
CA PHE A 153 7.77 8.03 -25.07
C PHE A 153 8.26 9.28 -25.80
N LYS A 154 7.34 9.92 -26.49
CA LYS A 154 7.66 11.14 -27.26
C LYS A 154 7.48 12.37 -26.40
N ASP A 155 7.88 13.52 -26.94
CA ASP A 155 7.86 14.76 -26.18
C ASP A 155 6.46 15.34 -25.93
N ASP A 156 5.42 14.76 -26.53
CA ASP A 156 4.05 15.12 -26.19
C ASP A 156 3.38 14.17 -25.18
N GLN A 157 4.09 13.17 -24.71
CA GLN A 157 3.51 12.17 -23.81
C GLN A 157 3.08 12.81 -22.51
N LEU A 158 1.86 12.48 -22.09
CA LEU A 158 1.37 12.86 -20.76
C LEU A 158 1.63 11.77 -19.69
N PHE A 159 1.94 12.24 -18.48
CA PHE A 159 2.10 11.39 -17.30
C PHE A 159 1.39 12.04 -16.11
N ILE A 160 0.89 11.20 -15.22
CA ILE A 160 0.53 11.65 -13.88
C ILE A 160 1.71 11.34 -12.95
N VAL A 161 2.11 12.32 -12.13
CA VAL A 161 3.16 12.18 -11.15
C VAL A 161 2.59 12.43 -9.76
N LEU A 162 2.64 11.41 -8.91
CA LEU A 162 2.13 11.47 -7.54
C LEU A 162 3.35 11.51 -6.65
N GLU A 163 3.43 12.50 -5.78
CA GLU A 163 4.50 12.57 -4.78
C GLU A 163 3.91 12.23 -3.41
N PHE A 164 4.44 11.18 -2.82
CA PHE A 164 4.07 10.74 -1.48
C PHE A 164 5.14 11.00 -0.48
N GLU A 165 4.69 11.19 0.75
CA GLU A 165 5.54 11.10 1.90
C GLU A 165 6.28 9.75 1.90
N PHE A 166 7.56 9.76 2.27
CA PHE A 166 8.34 8.54 2.29
C PHE A 166 7.98 7.72 3.54
N GLY A 167 7.48 6.51 3.34
CA GLY A 167 6.91 5.69 4.39
C GLY A 167 7.81 4.63 5.01
N GLY A 168 9.00 4.45 4.47
CA GLY A 168 9.97 3.50 5.03
C GLY A 168 10.23 2.34 4.12
N ILE A 169 10.43 1.16 4.71
CA ILE A 169 10.85 -0.03 3.96
C ILE A 169 9.72 -1.04 4.02
N ASP A 170 9.45 -1.68 2.90
CA ASP A 170 8.33 -2.60 2.86
C ASP A 170 8.58 -3.87 3.63
N LEU A 171 7.48 -4.48 4.04
CA LEU A 171 7.51 -5.68 4.91
C LEU A 171 8.26 -6.83 4.27
N GLU A 172 8.08 -7.02 2.97
CA GLU A 172 8.84 -8.06 2.28
C GLU A 172 10.34 -7.89 2.43
N GLN A 173 10.84 -6.68 2.24
CA GLN A 173 12.27 -6.40 2.37
C GLN A 173 12.69 -6.49 3.82
N MET A 174 11.76 -6.29 4.74
CA MET A 174 12.02 -6.44 6.16
C MET A 174 11.80 -7.86 6.71
N ARG A 175 11.56 -8.84 5.84
CA ARG A 175 11.17 -10.18 6.30
C ARG A 175 12.23 -10.89 7.13
N THR A 176 13.49 -10.48 7.03
CA THR A 176 14.53 -11.06 7.88
C THR A 176 14.99 -10.10 8.95
N LYS A 177 14.33 -8.95 9.08
CA LYS A 177 14.87 -7.87 9.89
C LYS A 177 14.08 -7.53 11.16
N LEU A 178 12.93 -8.16 11.37
CA LEU A 178 12.10 -7.83 12.53
C LEU A 178 12.65 -8.51 13.79
N SER A 179 12.44 -7.84 14.91
CA SER A 179 13.03 -8.24 16.15
C SER A 179 12.43 -9.57 16.65
N SER A 180 11.11 -9.66 16.71
CA SER A 180 10.48 -10.88 17.18
C SER A 180 9.02 -10.95 16.77
N LEU A 181 8.35 -12.00 17.20
CA LEU A 181 6.89 -12.12 17.00
C LEU A 181 6.07 -11.01 17.68
N ALA A 182 6.59 -10.43 18.76
CA ALA A 182 5.94 -9.27 19.39
C ALA A 182 5.86 -8.08 18.42
N THR A 183 6.91 -7.90 17.61
CA THR A 183 6.93 -6.88 16.56
C THR A 183 5.84 -7.21 15.52
N ALA A 184 5.68 -8.49 15.20
CA ALA A 184 4.68 -8.92 14.22
C ALA A 184 3.27 -8.63 14.76
N LYS A 185 3.07 -8.81 16.07
CA LYS A 185 1.80 -8.52 16.68
C LYS A 185 1.48 -7.03 16.60
N SER A 186 2.47 -6.18 16.88
CA SER A 186 2.27 -4.73 16.77
C SER A 186 1.87 -4.38 15.34
N ILE A 187 2.60 -4.91 14.39
CA ILE A 187 2.31 -4.64 12.98
C ILE A 187 0.88 -5.06 12.62
N LEU A 188 0.48 -6.26 13.01
CA LEU A 188 -0.90 -6.71 12.77
C LEU A 188 -1.93 -5.80 13.43
N HIS A 189 -1.65 -5.35 14.64
CA HIS A 189 -2.58 -4.49 15.38
C HIS A 189 -2.68 -3.13 14.67
N GLN A 190 -1.53 -2.62 14.23
CA GLN A 190 -1.52 -1.32 13.53
C GLN A 190 -2.30 -1.37 12.24
N LEU A 191 -2.08 -2.44 11.47
CA LEU A 191 -2.78 -2.62 10.19
C LEU A 191 -4.28 -2.71 10.38
N THR A 192 -4.68 -3.51 11.35
CA THR A 192 -6.09 -3.71 11.65
C THR A 192 -6.74 -2.41 12.07
N ALA A 193 -6.08 -1.69 12.97
CA ALA A 193 -6.62 -0.40 13.42
C ALA A 193 -6.76 0.57 12.28
N SER A 194 -5.72 0.67 11.42
CA SER A 194 -5.77 1.62 10.30
C SER A 194 -6.91 1.29 9.35
N LEU A 195 -7.08 0.01 9.03
CA LEU A 195 -8.16 -0.37 8.14
C LEU A 195 -9.52 -0.12 8.79
N ALA A 196 -9.64 -0.35 10.09
CA ALA A 196 -10.89 -0.09 10.80
C ALA A 196 -11.26 1.38 10.72
N VAL A 197 -10.29 2.24 10.94
CA VAL A 197 -10.52 3.69 10.88
C VAL A 197 -10.99 4.09 9.48
N ALA A 198 -10.38 3.55 8.44
CA ALA A 198 -10.79 3.83 7.08
C ALA A 198 -12.14 3.24 6.72
N GLU A 199 -12.45 2.04 7.24
CA GLU A 199 -13.78 1.49 7.03
C GLU A 199 -14.82 2.41 7.65
N ALA A 200 -14.57 2.87 8.89
CA ALA A 200 -15.52 3.72 9.62
C ALA A 200 -15.77 5.07 8.94
N SER A 201 -14.72 5.69 8.45
CA SER A 201 -14.78 7.05 7.90
C SER A 201 -15.19 7.04 6.43
N LEU A 202 -14.77 6.02 5.70
CA LEU A 202 -14.83 6.05 4.24
C LEU A 202 -15.37 4.79 3.55
N ARG A 203 -15.76 3.76 4.32
CA ARG A 203 -16.17 2.51 3.72
C ARG A 203 -15.13 2.00 2.73
N PHE A 204 -13.90 2.03 3.24
CA PHE A 204 -12.71 1.73 2.48
C PHE A 204 -12.38 0.25 2.45
N GLU A 205 -12.03 -0.23 1.24
CA GLU A 205 -11.35 -1.52 1.05
C GLU A 205 -10.06 -1.27 0.30
N HIS A 206 -8.96 -1.83 0.80
CA HIS A 206 -7.68 -1.68 0.12
C HIS A 206 -7.63 -2.49 -1.15
N ARG A 207 -8.00 -3.79 -1.05
CA ARG A 207 -8.09 -4.75 -2.17
C ARG A 207 -6.79 -5.22 -2.82
N ASP A 208 -5.64 -4.77 -2.36
CA ASP A 208 -4.37 -5.23 -2.92
C ASP A 208 -3.26 -5.12 -1.90
N LEU A 209 -3.55 -5.59 -0.69
CA LEU A 209 -2.65 -5.32 0.45
C LEU A 209 -1.61 -6.44 0.64
N HIS A 210 -0.84 -6.67 -0.42
CA HIS A 210 0.29 -7.59 -0.39
C HIS A 210 1.42 -6.95 0.42
N TRP A 211 2.45 -7.74 0.77
CA TRP A 211 3.47 -7.27 1.70
C TRP A 211 4.47 -6.27 1.16
N GLY A 212 4.38 -5.94 -0.12
CA GLY A 212 5.08 -4.79 -0.64
C GLY A 212 4.33 -3.51 -0.38
N ASN A 213 3.06 -3.60 0.03
CA ASN A 213 2.24 -2.40 0.26
C ASN A 213 2.04 -2.06 1.75
N VAL A 214 2.86 -2.68 2.59
CA VAL A 214 2.97 -2.40 4.02
C VAL A 214 4.38 -1.89 4.26
N LEU A 215 4.51 -0.64 4.65
CA LEU A 215 5.80 -0.06 4.96
C LEU A 215 6.04 0.09 6.45
N LEU A 216 7.31 -0.06 6.84
CA LEU A 216 7.75 0.08 8.23
C LEU A 216 8.82 1.18 8.31
N LYS A 217 8.68 2.05 9.30
CA LYS A 217 9.62 3.14 9.59
C LYS A 217 9.89 3.16 11.10
N LYS A 218 11.16 3.25 11.46
CA LYS A 218 11.52 3.35 12.85
C LYS A 218 10.92 4.60 13.48
N THR A 219 10.46 4.44 14.72
CA THR A 219 9.96 5.55 15.51
C THR A 219 10.47 5.40 16.96
N SER A 220 10.71 6.52 17.62
CA SER A 220 11.03 6.53 19.03
C SER A 220 9.77 6.62 19.87
N LEU A 221 8.60 6.78 19.25
CA LEU A 221 7.35 6.70 20.01
C LEU A 221 7.15 5.29 20.56
N LYS A 222 6.81 5.19 21.84
CA LYS A 222 6.57 3.89 22.46
C LYS A 222 5.15 3.37 22.14
N LYS A 223 4.20 4.30 22.01
CA LYS A 223 2.76 3.99 21.75
C LYS A 223 2.29 4.84 20.57
N LEU A 224 1.46 4.26 19.70
CA LEU A 224 0.87 5.02 18.63
C LEU A 224 -0.62 5.20 18.95
N HIS A 225 -1.18 6.30 18.46
CA HIS A 225 -2.56 6.66 18.79
C HIS A 225 -3.41 6.55 17.56
N TYR A 226 -4.65 6.10 17.74
CA TYR A 226 -5.67 6.18 16.70
C TYR A 226 -6.98 6.50 17.39
N THR A 227 -7.91 7.03 16.61
CA THR A 227 -9.26 7.26 17.09
C THR A 227 -10.23 6.63 16.14
N LEU A 228 -11.15 5.84 16.70
CA LEU A 228 -12.18 5.14 15.92
C LEU A 228 -13.53 5.58 16.45
N ASN A 229 -14.31 6.19 15.58
CA ASN A 229 -15.60 6.79 15.94
C ASN A 229 -15.58 7.49 17.28
N GLY A 230 -14.59 8.37 17.46
CA GLY A 230 -14.51 9.23 18.65
C GLY A 230 -13.81 8.62 19.85
N LYS A 231 -13.49 7.34 19.80
CA LYS A 231 -12.78 6.71 20.91
C LYS A 231 -11.31 6.50 20.55
N SER A 232 -10.43 7.07 21.36
CA SER A 232 -8.99 7.00 21.15
C SER A 232 -8.40 5.83 21.88
N SER A 233 -7.51 5.13 21.22
CA SER A 233 -6.78 4.04 21.83
C SER A 233 -5.31 4.10 21.45
N THR A 234 -4.52 3.28 22.08
CA THR A 234 -3.09 3.25 21.77
C THR A 234 -2.65 1.84 21.45
N ILE A 235 -1.53 1.75 20.72
CA ILE A 235 -0.96 0.49 20.32
C ILE A 235 0.54 0.58 20.64
N PRO A 236 1.11 -0.39 21.38
CA PRO A 236 2.60 -0.35 21.56
C PRO A 236 3.28 -0.52 20.20
N SER A 237 4.22 0.36 19.89
CA SER A 237 4.81 0.41 18.55
C SER A 237 5.85 -0.67 18.24
N CYS A 238 6.51 -1.19 19.28
CA CYS A 238 7.72 -1.99 19.12
C CYS A 238 8.75 -1.28 18.24
N GLY A 239 8.76 0.05 18.29
CA GLY A 239 9.72 0.87 17.55
C GLY A 239 9.46 1.05 16.08
N LEU A 240 8.25 0.69 15.61
CA LEU A 240 7.89 0.80 14.20
C LEU A 240 6.54 1.46 13.94
N GLN A 241 6.52 2.36 12.95
CA GLN A 241 5.27 2.91 12.46
C GLN A 241 4.96 2.24 11.14
N VAL A 242 3.77 1.66 11.04
CA VAL A 242 3.36 0.99 9.80
C VAL A 242 2.58 1.94 8.92
N SER A 243 2.87 1.92 7.62
CA SER A 243 2.06 2.70 6.64
C SER A 243 1.53 1.75 5.55
N ILE A 244 0.22 1.80 5.32
CA ILE A 244 -0.42 1.11 4.24
C ILE A 244 -0.45 2.05 3.03
N ILE A 245 -0.01 1.53 1.88
CA ILE A 245 0.16 2.31 0.66
C ILE A 245 -0.44 1.65 -0.58
N ASP A 246 -0.49 2.46 -1.64
CA ASP A 246 -0.71 2.02 -3.01
C ASP A 246 -2.16 1.63 -3.25
N TYR A 247 -2.96 2.63 -3.62
CA TYR A 247 -4.41 2.49 -3.67
C TYR A 247 -4.99 2.20 -5.07
N THR A 248 -4.17 1.61 -5.93
CA THR A 248 -4.53 1.35 -7.35
C THR A 248 -5.82 0.50 -7.53
N LEU A 249 -6.07 -0.44 -6.63
CA LEU A 249 -7.28 -1.28 -6.67
C LEU A 249 -8.35 -0.93 -5.64
N SER A 250 -8.15 0.12 -4.86
CA SER A 250 -8.95 0.37 -3.67
C SER A 250 -10.29 1.00 -3.99
N ARG A 251 -11.13 1.04 -2.97
CA ARG A 251 -12.51 1.49 -3.10
C ARG A 251 -12.87 2.25 -1.86
N LEU A 252 -13.66 3.31 -2.01
CA LEU A 252 -14.24 4.00 -0.87
C LEU A 252 -15.42 4.80 -1.36
N GLU A 253 -16.05 5.48 -0.43
CA GLU A 253 -17.18 6.31 -0.76
C GLU A 253 -17.34 7.45 0.21
N ARG A 254 -17.87 8.54 -0.30
CA ARG A 254 -18.31 9.66 0.50
C ARG A 254 -19.64 10.19 -0.05
N ASP A 255 -20.60 10.37 0.86
CA ASP A 255 -21.93 10.91 0.52
C ASP A 255 -22.61 10.08 -0.56
N GLY A 256 -22.36 8.77 -0.51
CA GLY A 256 -22.94 7.83 -1.46
C GLY A 256 -22.32 7.78 -2.84
N ILE A 257 -21.23 8.51 -3.05
CA ILE A 257 -20.49 8.49 -4.29
C ILE A 257 -19.30 7.55 -4.12
N VAL A 258 -19.31 6.44 -4.84
CA VAL A 258 -18.29 5.42 -4.71
C VAL A 258 -17.18 5.64 -5.70
N VAL A 259 -15.94 5.51 -5.25
CA VAL A 259 -14.80 5.59 -6.12
C VAL A 259 -14.06 4.25 -6.03
N PHE A 260 -13.79 3.63 -7.17
CA PHE A 260 -13.20 2.30 -7.16
C PHE A 260 -12.55 1.92 -8.46
N CYS A 261 -11.85 0.80 -8.45
CA CYS A 261 -11.22 0.24 -9.66
C CYS A 261 -12.06 -0.93 -10.13
N ASP A 262 -12.72 -0.77 -11.27
CA ASP A 262 -13.63 -1.79 -11.74
C ASP A 262 -12.83 -2.88 -12.45
N VAL A 263 -12.57 -3.96 -11.75
CA VAL A 263 -11.82 -5.08 -12.32
C VAL A 263 -12.73 -6.23 -12.80
N SER A 264 -14.03 -5.96 -12.96
CA SER A 264 -15.01 -7.01 -13.32
C SER A 264 -14.77 -7.72 -14.66
N MET A 265 -14.07 -7.06 -15.58
CA MET A 265 -13.69 -7.66 -16.86
C MET A 265 -12.21 -8.05 -16.94
N ASP A 266 -11.50 -8.00 -15.82
CA ASP A 266 -10.07 -8.31 -15.80
C ASP A 266 -9.99 -9.82 -15.63
N GLU A 267 -9.36 -10.52 -16.57
CA GLU A 267 -9.23 -11.97 -16.48
C GLU A 267 -8.01 -12.31 -15.65
N ASP A 268 -6.89 -11.67 -16.00
CA ASP A 268 -5.57 -12.05 -15.51
C ASP A 268 -5.40 -11.89 -14.00
N LEU A 269 -6.06 -10.87 -13.44
CA LEU A 269 -5.98 -10.63 -12.01
C LEU A 269 -6.41 -11.87 -11.22
N PHE A 270 -7.32 -12.67 -11.79
CA PHE A 270 -7.87 -13.82 -11.09
C PHE A 270 -7.27 -15.17 -11.40
N THR A 271 -6.18 -15.19 -12.20
CA THR A 271 -5.54 -16.45 -12.61
C THR A 271 -4.06 -16.59 -12.18
N GLY A 272 -3.63 -15.84 -11.17
CA GLY A 272 -2.26 -15.99 -10.66
C GLY A 272 -2.10 -17.25 -9.83
N ASP A 273 -0.86 -17.67 -9.61
CA ASP A 273 -0.56 -18.73 -8.64
C ASP A 273 0.89 -18.63 -8.14
N GLY A 274 1.27 -19.49 -7.19
CA GLY A 274 2.60 -19.45 -6.58
C GLY A 274 2.68 -18.75 -5.22
N ASP A 275 1.60 -18.09 -4.83
CA ASP A 275 1.53 -17.31 -3.60
C ASP A 275 0.05 -17.23 -3.24
N TYR A 276 -0.24 -17.28 -1.95
CA TYR A 276 -1.58 -17.06 -1.42
C TYR A 276 -2.13 -15.67 -1.82
N GLN A 277 -1.25 -14.72 -2.12
CA GLN A 277 -1.65 -13.42 -2.67
C GLN A 277 -2.70 -13.58 -3.78
N PHE A 278 -2.46 -14.53 -4.68
CA PHE A 278 -3.27 -14.66 -5.88
C PHE A 278 -4.60 -15.35 -5.59
N ASP A 279 -4.66 -16.12 -4.49
CA ASP A 279 -5.93 -16.65 -4.01
C ASP A 279 -6.83 -15.52 -3.50
N ILE A 280 -6.26 -14.50 -2.86
CA ILE A 280 -7.03 -13.41 -2.30
C ILE A 280 -7.86 -12.71 -3.40
N TYR A 281 -7.28 -12.48 -4.58
CA TYR A 281 -8.05 -11.85 -5.65
C TYR A 281 -9.28 -12.70 -5.98
N ARG A 282 -9.11 -14.00 -6.05
CA ARG A 282 -10.24 -14.90 -6.33
C ARG A 282 -11.25 -14.92 -5.18
N LEU A 283 -10.74 -14.88 -3.96
CA LEU A 283 -11.63 -14.89 -2.79
C LEU A 283 -12.44 -13.59 -2.66
N MET A 284 -11.82 -12.47 -3.02
CA MET A 284 -12.57 -11.21 -3.05
C MET A 284 -13.73 -11.25 -4.05
N LYS A 285 -13.45 -11.75 -5.27
CA LYS A 285 -14.43 -11.88 -6.31
C LYS A 285 -15.55 -12.81 -5.88
N LYS A 286 -15.23 -13.88 -5.16
CA LYS A 286 -16.25 -14.77 -4.62
C LYS A 286 -17.16 -14.01 -3.64
N GLU A 287 -16.54 -13.26 -2.75
CA GLU A 287 -17.26 -12.51 -1.73
C GLU A 287 -18.20 -11.43 -2.33
N ASN A 288 -17.77 -10.77 -3.42
CA ASN A 288 -18.51 -9.65 -3.97
C ASN A 288 -19.28 -9.94 -5.25
N ASN A 289 -19.22 -11.18 -5.72
CA ASN A 289 -19.96 -11.61 -6.92
C ASN A 289 -19.58 -10.81 -8.16
N ASN A 290 -18.31 -10.40 -8.19
CA ASN A 290 -17.75 -9.61 -9.26
C ASN A 290 -18.39 -8.23 -9.38
N ARG A 291 -18.98 -7.75 -8.28
CA ARG A 291 -19.51 -6.40 -8.27
C ARG A 291 -18.62 -5.49 -7.40
N TRP A 292 -17.68 -4.79 -8.04
CA TRP A 292 -16.60 -4.08 -7.33
C TRP A 292 -17.00 -2.74 -6.76
N GLY A 293 -18.18 -2.25 -7.15
CA GLY A 293 -18.72 -1.02 -6.60
C GLY A 293 -19.31 -1.18 -5.21
N GLU A 294 -19.72 -2.39 -4.87
CA GLU A 294 -20.31 -2.62 -3.55
C GLU A 294 -19.26 -2.55 -2.46
N TYR A 295 -19.70 -2.42 -1.21
CA TYR A 295 -18.84 -2.41 -0.04
C TYR A 295 -18.82 -3.79 0.63
N HIS A 296 -17.67 -4.45 0.59
CA HIS A 296 -17.48 -5.76 1.16
C HIS A 296 -16.19 -5.69 2.00
N PRO A 297 -16.30 -5.18 3.25
CA PRO A 297 -15.08 -5.01 4.08
C PRO A 297 -14.46 -6.32 4.50
N TYR A 298 -15.13 -7.44 4.22
CA TYR A 298 -14.47 -8.72 4.41
C TYR A 298 -13.24 -8.82 3.56
N SER A 299 -13.13 -8.06 2.46
CA SER A 299 -11.87 -8.06 1.70
C SER A 299 -10.67 -7.61 2.57
N ASN A 300 -10.87 -6.65 3.48
CA ASN A 300 -9.81 -6.26 4.41
C ASN A 300 -9.36 -7.40 5.35
N VAL A 301 -10.32 -8.20 5.79
CA VAL A 301 -10.06 -9.39 6.59
C VAL A 301 -9.19 -10.43 5.83
N LEU A 302 -9.53 -10.67 4.57
CA LEU A 302 -8.78 -11.57 3.72
C LEU A 302 -7.33 -11.12 3.59
N TRP A 303 -7.12 -9.83 3.35
CA TRP A 303 -5.74 -9.34 3.23
C TRP A 303 -5.00 -9.47 4.55
N LEU A 304 -5.68 -9.15 5.65
CA LEU A 304 -5.08 -9.36 6.94
C LEU A 304 -4.71 -10.82 7.20
N HIS A 305 -5.53 -11.74 6.72
CA HIS A 305 -5.23 -13.17 6.83
C HIS A 305 -4.01 -13.55 6.02
N TYR A 306 -3.92 -13.06 4.79
CA TYR A 306 -2.72 -13.22 3.98
C TYR A 306 -1.45 -12.68 4.67
N LEU A 307 -1.57 -11.52 5.33
CA LEU A 307 -0.43 -10.92 6.03
C LEU A 307 -0.03 -11.69 7.27
N THR A 308 -1.01 -12.19 8.04
CA THR A 308 -0.72 -13.06 9.20
C THR A 308 0.01 -14.32 8.76
N ASP A 309 -0.46 -14.89 7.63
CA ASP A 309 0.19 -16.05 7.00
C ASP A 309 1.65 -15.76 6.66
N LYS A 310 1.93 -14.59 6.08
CA LYS A 310 3.32 -14.23 5.75
C LYS A 310 4.14 -14.15 7.00
N MET A 311 3.57 -13.59 8.06
CA MET A 311 4.30 -13.46 9.31
C MET A 311 4.66 -14.79 9.94
N LEU A 312 3.73 -15.74 9.86
CA LEU A 312 3.98 -17.05 10.47
C LEU A 312 4.86 -17.96 9.61
N LYS A 313 4.98 -17.69 8.31
CA LYS A 313 5.62 -18.63 7.39
C LYS A 313 6.87 -18.11 6.68
N GLN A 314 6.91 -16.83 6.33
CA GLN A 314 7.98 -16.29 5.47
C GLN A 314 8.92 -15.26 6.16
N MET A 315 8.83 -15.16 7.48
CA MET A 315 9.65 -14.19 8.22
C MET A 315 10.67 -14.91 9.06
N THR A 316 11.86 -14.33 9.16
CA THR A 316 12.89 -14.76 10.08
C THR A 316 13.13 -13.63 11.08
N PHE A 317 13.25 -14.01 12.33
CA PHE A 317 13.23 -13.07 13.44
C PHE A 317 14.54 -13.11 14.14
N LYS A 318 14.97 -11.95 14.64
CA LYS A 318 16.23 -11.90 15.34
C LYS A 318 16.13 -12.75 16.60
N THR A 319 14.97 -12.71 17.27
CA THR A 319 14.74 -13.46 18.48
C THR A 319 13.74 -14.55 18.15
N LYS A 320 14.14 -15.77 18.42
CA LYS A 320 13.22 -16.91 18.31
C LYS A 320 12.23 -16.93 19.48
N CYS A 321 11.20 -17.75 19.30
CA CYS A 321 10.09 -17.92 20.25
C CYS A 321 10.44 -19.02 21.26
N ASN A 322 11.46 -18.76 22.08
N ASN A 322 11.50 -18.83 22.05
CA ASN A 322 11.94 -19.77 23.03
CA ASN A 322 11.85 -19.84 23.04
C ASN A 322 11.80 -19.41 24.49
C ASN A 322 11.90 -19.36 24.49
N THR A 323 11.17 -18.28 24.78
CA THR A 323 10.81 -17.93 26.14
C THR A 323 9.30 -18.19 26.26
N PRO A 324 8.81 -18.41 27.48
CA PRO A 324 7.36 -18.55 27.61
C PRO A 324 6.57 -17.33 27.10
N ALA A 325 7.07 -16.12 27.38
CA ALA A 325 6.41 -14.88 26.93
C ALA A 325 6.25 -14.85 25.42
N MET A 326 7.32 -15.22 24.71
CA MET A 326 7.31 -15.19 23.26
C MET A 326 6.46 -16.29 22.69
N LYS A 327 6.57 -17.49 23.26
CA LYS A 327 5.73 -18.63 22.90
C LYS A 327 4.24 -18.30 23.01
N GLN A 328 3.85 -17.53 24.04
CA GLN A 328 2.42 -17.15 24.17
C GLN A 328 1.99 -16.24 23.02
N ILE A 329 2.84 -15.29 22.66
CA ILE A 329 2.54 -14.39 21.55
C ILE A 329 2.36 -15.21 20.26
N LYS A 330 3.22 -16.19 20.05
CA LYS A 330 3.07 -17.04 18.88
C LYS A 330 1.74 -17.79 18.86
N ARG A 331 1.38 -18.37 20.00
CA ARG A 331 0.13 -19.07 20.08
C ARG A 331 -1.03 -18.11 19.75
N LYS A 332 -0.95 -16.86 20.22
CA LYS A 332 -2.03 -15.90 20.00
C LYS A 332 -2.14 -15.53 18.52
N ILE A 333 -0.99 -15.38 17.85
CA ILE A 333 -1.01 -15.09 16.42
C ILE A 333 -1.57 -16.27 15.61
N GLN A 334 -1.21 -17.49 15.99
CA GLN A 334 -1.77 -18.67 15.35
C GLN A 334 -3.28 -18.77 15.57
N GLU A 335 -3.75 -18.43 16.76
CA GLU A 335 -5.18 -18.49 17.05
C GLU A 335 -5.94 -17.41 16.22
N PHE A 336 -5.29 -16.26 16.06
CA PHE A 336 -5.79 -15.18 15.17
C PHE A 336 -5.88 -15.70 13.74
N HIS A 337 -4.83 -16.32 13.25
CA HIS A 337 -4.84 -16.87 11.89
C HIS A 337 -6.02 -17.86 11.63
N ARG A 338 -6.30 -18.72 12.61
CA ARG A 338 -7.38 -19.72 12.42
C ARG A 338 -8.81 -19.25 12.73
N THR A 339 -8.98 -18.05 13.29
CA THR A 339 -10.30 -17.54 13.65
C THR A 339 -10.74 -16.28 12.89
N MET A 340 -9.77 -15.47 12.44
CA MET A 340 -10.07 -14.16 11.84
C MET A 340 -10.99 -14.19 10.62
N LEU A 341 -10.95 -15.27 9.82
CA LEU A 341 -11.86 -15.35 8.68
C LEU A 341 -13.33 -15.47 9.07
N ASN A 342 -13.62 -15.67 10.37
CA ASN A 342 -15.01 -15.65 10.88
C ASN A 342 -15.49 -14.26 11.31
N PHE A 343 -14.69 -13.25 10.97
CA PHE A 343 -15.03 -11.84 11.26
C PHE A 343 -15.37 -11.13 9.97
N SER A 344 -16.17 -10.08 10.09
CA SER A 344 -16.80 -9.46 8.93
C SER A 344 -16.11 -8.22 8.33
N SER A 345 -15.17 -7.66 9.07
CA SER A 345 -14.48 -6.44 8.72
C SER A 345 -13.27 -6.26 9.62
N ALA A 346 -12.41 -5.33 9.24
CA ALA A 346 -11.28 -4.95 10.11
C ALA A 346 -11.82 -4.35 11.40
N THR A 347 -12.92 -3.58 11.32
CA THR A 347 -13.54 -3.02 12.52
C THR A 347 -13.95 -4.11 13.52
N ASP A 348 -14.58 -5.14 13.01
CA ASP A 348 -15.00 -6.33 13.79
C ASP A 348 -13.80 -6.96 14.43
N LEU A 349 -12.70 -7.15 13.68
CA LEU A 349 -11.48 -7.74 14.27
C LEU A 349 -10.94 -6.87 15.40
N LEU A 350 -10.75 -5.58 15.10
CA LEU A 350 -10.22 -4.67 16.10
C LEU A 350 -11.05 -4.66 17.38
N CYS A 351 -12.36 -4.57 17.24
CA CYS A 351 -13.25 -4.36 18.39
C CYS A 351 -13.56 -5.64 19.16
N GLN A 352 -13.49 -6.77 18.47
CA GLN A 352 -13.94 -8.05 19.06
C GLN A 352 -12.89 -9.13 19.18
N HIS A 353 -11.82 -9.11 18.38
CA HIS A 353 -10.86 -10.22 18.47
C HIS A 353 -9.97 -10.19 19.74
N SER A 354 -9.80 -11.36 20.34
CA SER A 354 -9.03 -11.51 21.60
C SER A 354 -7.57 -11.10 21.45
N LEU A 355 -7.01 -11.13 20.23
CA LEU A 355 -5.64 -10.74 20.04
C LEU A 355 -5.40 -9.29 20.49
N PHE A 356 -6.42 -8.44 20.38
CA PHE A 356 -6.23 -7.00 20.63
C PHE A 356 -6.71 -6.54 22.00
N LYS A 357 -7.04 -7.50 22.87
CA LYS A 357 -7.45 -7.21 24.24
C LYS A 357 -6.25 -7.29 25.19
#